data_8W5C
#
_entry.id   8W5C
#
_cell.length_a   61.831
_cell.length_b   61.799
_cell.length_c   181.621
_cell.angle_alpha   90.000
_cell.angle_beta   90.000
_cell.angle_gamma   90.000
#
_symmetry.space_group_name_H-M   'P 21 21 21'
#
loop_
_entity.id
_entity.type
_entity.pdbx_description
1 polymer 'Fibroblast growth factor receptor 4'
2 non-polymer N-[5-cyano-4-(2-methoxyethylamino)pyridin-2-yl]-5-methanoyl-6-[(4-methylpiperazin-1-yl)methyl]-1-propan-2-yl-pyrrolo[3,2-b]pyridine-3-carboxamide
3 water water
#
_entity_poly.entity_id   1
_entity_poly.type   'polypeptide(L)'
_entity_poly.pdbx_seq_one_letter_code
;DLPLDPLWEFPRDRLVLGKPLGEGCFGQVVRAEAFGMDPARPDQASTVAVKMLKDNASDKDLADLVSEMEVMKLIGRHKN
IINLLGVCTQEGPLYVIVECAAKGNLREFLRARRPPGPDLSPDGPRSSEGPLSFPVLVSCAYQVARGMQYLESRKCIHRD
LAARNVLVTEDNVMKIADFGLARGVHHIDYYKKTSNGRLPVKWMAPEALFDRVYTHQSDVWSFGILLWEIFTLGGSPYPG
IPVEELFSLLREGHRMDRPPHCPPELYGLMRECWHAAPSQRPTFKQLVEALDKVLLAVSE
;
_entity_poly.pdbx_strand_id   A,B
#
loop_
_chem_comp.id
_chem_comp.type
_chem_comp.name
_chem_comp.formula
VZO non-polymer N-[5-cyano-4-(2-methoxyethylamino)pyridin-2-yl]-5-methanoyl-6-[(4-methylpiperazin-1-yl)methyl]-1-propan-2-yl-pyrrolo[3,2-b]pyridine-3-carboxamide 'C27 H34 N8 O3'
#
# COMPACT_ATOMS: atom_id res chain seq x y z
N ASP A 1 -1.21 12.62 43.66
CA ASP A 1 -1.56 13.75 42.81
C ASP A 1 -2.64 13.39 41.79
N LEU A 2 -2.33 12.39 40.97
CA LEU A 2 -3.12 12.03 39.80
C LEU A 2 -3.74 10.65 39.96
N PRO A 3 -4.84 10.37 39.26
CA PRO A 3 -5.47 9.05 39.37
C PRO A 3 -4.59 7.94 38.82
N LEU A 4 -4.83 6.73 39.31
CA LEU A 4 -4.05 5.55 38.93
C LEU A 4 -4.81 4.79 37.85
N ASP A 5 -4.26 4.79 36.63
CA ASP A 5 -4.89 4.12 35.51
C ASP A 5 -4.31 2.73 35.36
N PRO A 6 -5.07 1.67 35.69
CA PRO A 6 -4.51 0.31 35.58
C PRO A 6 -4.10 -0.07 34.17
N LEU A 7 -4.63 0.62 33.15
CA LEU A 7 -4.28 0.28 31.77
C LEU A 7 -2.91 0.81 31.37
N TRP A 8 -2.36 1.80 32.10
CA TRP A 8 -1.14 2.46 31.66
C TRP A 8 -0.07 2.63 32.74
N GLU A 9 -0.42 2.61 34.03
CA GLU A 9 0.56 2.89 35.08
C GLU A 9 1.74 1.93 35.01
N PHE A 10 2.95 2.48 35.10
CA PHE A 10 4.19 1.75 34.99
C PHE A 10 5.04 1.95 36.24
N PRO A 11 5.72 0.91 36.73
CA PRO A 11 6.49 1.07 37.97
C PRO A 11 7.67 2.02 37.79
N ARG A 12 7.72 3.03 38.64
CA ARG A 12 8.84 3.98 38.64
C ARG A 12 10.17 3.26 38.74
N ASP A 13 10.25 2.25 39.60
CA ASP A 13 11.47 1.51 39.84
C ASP A 13 11.98 0.75 38.62
N ARG A 14 11.16 0.65 37.57
CA ARG A 14 11.54 -0.07 36.36
C ARG A 14 11.88 0.88 35.21
N LEU A 15 11.97 2.18 35.48
CA LEU A 15 12.32 3.19 34.48
C LEU A 15 13.50 4.00 34.98
N VAL A 16 14.61 3.99 34.25
CA VAL A 16 15.79 4.77 34.59
C VAL A 16 16.03 5.78 33.47
N LEU A 17 16.06 7.06 33.82
CA LEU A 17 16.20 8.12 32.85
C LEU A 17 17.63 8.22 32.35
N GLY A 18 17.78 8.43 31.05
CA GLY A 18 19.07 8.67 30.42
C GLY A 18 19.31 10.14 30.13
N LYS A 19 20.06 10.40 29.06
CA LYS A 19 20.44 11.76 28.72
C LYS A 19 19.31 12.47 27.98
N PRO A 20 19.01 13.72 28.32
CA PRO A 20 17.97 14.46 27.61
C PRO A 20 18.28 14.55 26.12
N LEU A 21 17.21 14.75 25.35
CA LEU A 21 17.30 14.85 23.90
C LEU A 21 16.95 16.23 23.37
N GLY A 22 16.04 16.93 24.02
CA GLY A 22 15.68 18.27 23.59
C GLY A 22 14.64 18.84 24.52
N GLU A 23 14.54 20.16 24.48
CA GLU A 23 13.58 20.91 25.29
C GLU A 23 12.38 21.27 24.42
N GLY A 24 11.18 20.91 24.88
CA GLY A 24 9.95 21.21 24.16
C GLY A 24 9.11 22.21 24.92
N CYS A 25 8.31 22.98 24.19
CA CYS A 25 7.50 24.03 24.82
C CYS A 25 6.55 23.43 25.85
N PHE A 26 6.00 22.25 25.58
CA PHE A 26 5.08 21.58 26.48
C PHE A 26 5.78 20.55 27.36
N GLY A 27 7.05 20.77 27.68
CA GLY A 27 7.76 19.87 28.59
C GLY A 27 9.24 19.68 28.32
N GLN A 28 9.66 18.43 28.20
CA GLN A 28 11.05 18.04 28.01
C GLN A 28 11.08 16.55 27.71
N VAL A 29 11.92 16.14 26.78
CA VAL A 29 12.01 14.76 26.34
C VAL A 29 13.41 14.24 26.60
N VAL A 30 13.50 13.11 27.31
CA VAL A 30 14.78 12.53 27.70
C VAL A 30 14.83 11.07 27.25
N ARG A 31 16.05 10.60 27.00
CA ARG A 31 16.27 9.19 26.85
C ARG A 31 16.04 8.47 28.18
N ALA A 32 15.72 7.19 28.08
CA ALA A 32 15.47 6.34 29.25
C ALA A 32 15.36 4.91 28.76
N GLU A 33 15.54 3.97 29.69
CA GLU A 33 15.28 2.57 29.38
C GLU A 33 14.29 2.04 30.42
N ALA A 34 13.46 1.10 29.98
CA ALA A 34 12.34 0.61 30.77
C ALA A 34 12.47 -0.90 30.93
N PHE A 35 12.34 -1.36 32.17
CA PHE A 35 12.39 -2.78 32.49
C PHE A 35 10.97 -3.32 32.60
N GLY A 36 10.59 -4.17 31.67
CA GLY A 36 9.28 -4.79 31.70
C GLY A 36 8.23 -4.13 30.83
N MET A 37 8.64 -3.39 29.80
CA MET A 37 7.66 -2.78 28.90
C MET A 37 6.80 -3.85 28.25
N ASP A 38 7.43 -4.92 27.75
CA ASP A 38 6.71 -6.10 27.28
C ASP A 38 6.40 -6.97 28.48
N PRO A 39 5.13 -7.11 28.87
CA PRO A 39 4.78 -7.91 30.04
C PRO A 39 4.71 -9.41 29.76
N ARG A 41 8.98 -10.47 27.63
CA ARG A 41 9.58 -10.82 28.91
C ARG A 41 9.71 -9.58 29.80
N PRO A 42 9.36 -9.73 31.08
CA PRO A 42 9.47 -8.58 32.00
C PRO A 42 10.90 -8.28 32.43
N ASP A 43 11.86 -9.17 32.13
CA ASP A 43 13.26 -8.89 32.39
C ASP A 43 13.96 -8.21 31.22
N GLN A 44 13.39 -8.33 30.02
CA GLN A 44 13.98 -7.75 28.82
C GLN A 44 13.75 -6.24 28.81
N ALA A 45 14.82 -5.48 28.57
CA ALA A 45 14.78 -4.03 28.56
C ALA A 45 14.61 -3.51 27.14
N SER A 46 14.12 -2.27 27.05
CA SER A 46 13.85 -1.62 25.79
C SER A 46 14.24 -0.15 25.89
N THR A 47 14.55 0.44 24.74
CA THR A 47 14.88 1.86 24.66
C THR A 47 13.61 2.66 24.43
N VAL A 48 13.34 3.62 25.33
CA VAL A 48 12.15 4.45 25.26
C VAL A 48 12.56 5.91 25.41
N ALA A 49 11.57 6.80 25.26
CA ALA A 49 11.72 8.21 25.54
C ALA A 49 10.68 8.62 26.58
N VAL A 50 10.98 9.69 27.31
CA VAL A 50 10.12 10.13 28.41
C VAL A 50 9.87 11.63 28.28
N LYS A 51 8.60 12.01 28.22
CA LYS A 51 8.19 13.41 28.35
C LYS A 51 8.00 13.74 29.82
N MET A 52 8.52 14.90 30.23
CA MET A 52 8.40 15.35 31.60
C MET A 52 8.49 16.88 31.64
N LEU A 53 8.32 17.44 32.82
CA LEU A 53 8.42 18.87 33.03
C LEU A 53 9.87 19.28 33.31
N LYS A 54 10.14 20.58 33.21
CA LYS A 54 11.51 21.10 33.29
C LYS A 54 11.57 22.40 34.10
N ASP A 55 11.00 22.36 35.31
CA ASP A 55 11.01 23.50 36.24
C ASP A 55 10.53 24.82 35.64
N ASP A 59 3.00 24.13 37.20
CA ASP A 59 2.33 25.21 36.51
C ASP A 59 1.19 24.66 35.63
N LYS A 60 0.70 25.48 34.70
CA LYS A 60 -0.23 24.96 33.71
C LYS A 60 0.45 24.04 32.69
N ASP A 61 1.79 23.99 32.71
CA ASP A 61 2.49 23.01 31.89
C ASP A 61 2.15 21.60 32.32
N LEU A 62 1.92 21.39 33.62
CA LEU A 62 1.48 20.09 34.11
C LEU A 62 0.12 19.73 33.53
N ALA A 63 -0.80 20.70 33.48
CA ALA A 63 -2.11 20.44 32.90
C ALA A 63 -2.02 20.10 31.42
N ASP A 64 -1.10 20.76 30.71
CA ASP A 64 -0.91 20.47 29.29
C ASP A 64 -0.31 19.08 29.10
N LEU A 65 0.71 18.73 29.89
CA LEU A 65 1.31 17.41 29.77
C LEU A 65 0.31 16.31 30.11
N VAL A 66 -0.48 16.51 31.18
CA VAL A 66 -1.53 15.55 31.51
C VAL A 66 -2.56 15.49 30.38
N SER A 67 -2.91 16.64 29.80
CA SER A 67 -3.84 16.66 28.69
C SER A 67 -3.32 15.85 27.51
N GLU A 68 -2.04 16.03 27.17
CA GLU A 68 -1.46 15.27 26.07
C GLU A 68 -1.45 13.78 26.37
N MET A 69 -1.11 13.40 27.61
CA MET A 69 -1.14 12.00 28.01
C MET A 69 -2.51 11.38 27.76
N GLU A 70 -3.56 12.08 28.20
CA GLU A 70 -4.91 11.55 28.06
C GLU A 70 -5.35 11.49 26.60
N VAL A 71 -4.92 12.47 25.80
CA VAL A 71 -5.25 12.44 24.37
C VAL A 71 -4.59 11.22 23.72
N MET A 72 -3.35 10.91 24.10
CA MET A 72 -2.68 9.75 23.54
C MET A 72 -3.40 8.46 23.89
N LYS A 73 -3.85 8.33 25.15
CA LYS A 73 -4.67 7.17 25.53
C LYS A 73 -5.89 7.08 24.65
N LEU A 74 -6.58 8.20 24.44
CA LEU A 74 -7.82 8.21 23.68
C LEU A 74 -7.58 7.90 22.20
N ILE A 75 -6.52 8.47 21.63
CA ILE A 75 -6.31 8.34 20.19
C ILE A 75 -5.98 6.90 19.82
N GLY A 76 -5.25 6.19 20.67
CA GLY A 76 -4.91 4.80 20.40
C GLY A 76 -3.63 4.65 19.60
N ARG A 77 -3.25 3.39 19.43
CA ARG A 77 -1.97 3.00 18.86
C ARG A 77 -1.99 2.98 17.33
N HIS A 78 -0.87 3.34 16.71
CA HIS A 78 -0.70 3.17 15.28
C HIS A 78 0.78 3.12 14.95
N LYS A 79 1.10 2.35 13.90
CA LYS A 79 2.48 2.13 13.48
C LYS A 79 3.22 3.45 13.24
N ASN A 80 2.53 4.46 12.71
CA ASN A 80 3.18 5.65 12.19
C ASN A 80 2.93 6.88 13.05
N ILE A 81 2.76 6.69 14.36
CA ILE A 81 2.71 7.78 15.32
C ILE A 81 3.61 7.39 16.50
N ILE A 82 3.97 8.39 17.29
CA ILE A 82 4.71 8.13 18.52
C ILE A 82 3.71 7.64 19.57
N ASN A 83 3.76 6.35 19.87
CA ASN A 83 2.75 5.71 20.71
C ASN A 83 3.11 5.83 22.18
N LEU A 84 2.08 6.03 23.01
CA LEU A 84 2.25 5.99 24.45
C LEU A 84 2.60 4.56 24.87
N LEU A 85 3.48 4.44 25.87
CA LEU A 85 3.90 3.14 26.37
C LEU A 85 3.58 2.94 27.84
N GLY A 86 3.70 3.98 28.65
CA GLY A 86 3.41 3.88 30.08
C GLY A 86 3.51 5.25 30.71
N VAL A 87 3.02 5.33 31.95
CA VAL A 87 3.01 6.57 32.70
C VAL A 87 3.41 6.29 34.15
N CYS A 88 4.04 7.27 34.78
CA CYS A 88 4.34 7.25 36.20
C CYS A 88 3.71 8.50 36.81
N THR A 89 2.70 8.32 37.65
CA THR A 89 1.90 9.45 38.13
C THR A 89 1.82 9.56 39.65
N GLN A 90 2.20 8.52 40.39
CA GLN A 90 1.92 8.48 41.83
C GLN A 90 3.12 8.90 42.67
N GLU A 91 4.24 8.18 42.57
CA GLU A 91 5.39 8.41 43.44
C GLU A 91 6.23 9.61 42.96
N GLY A 92 5.59 10.77 42.91
CA GLY A 92 6.29 12.01 42.64
C GLY A 92 6.01 12.64 41.29
N PRO A 93 7.07 12.88 40.52
CA PRO A 93 6.95 13.64 39.27
C PRO A 93 6.33 12.83 38.14
N LEU A 94 5.61 13.55 37.27
CA LEU A 94 4.89 12.91 36.18
C LEU A 94 5.85 12.56 35.04
N TYR A 95 5.86 11.29 34.66
CA TYR A 95 6.59 10.81 33.50
C TYR A 95 5.60 10.24 32.50
N VAL A 96 5.82 10.52 31.22
CA VAL A 96 5.00 10.02 30.13
C VAL A 96 5.93 9.26 29.20
N ILE A 97 5.88 7.93 29.26
CA ILE A 97 6.80 7.08 28.51
C ILE A 97 6.24 6.85 27.12
N VAL A 98 7.03 7.21 26.10
CA VAL A 98 6.62 7.07 24.71
C VAL A 98 7.72 6.33 23.95
N GLU A 99 7.42 5.95 22.71
CA GLU A 99 8.37 5.22 21.90
C GLU A 99 9.61 6.06 21.60
N CYS A 100 10.72 5.38 21.38
CA CYS A 100 11.98 6.02 21.07
C CYS A 100 12.18 6.09 19.57
N ALA A 101 12.60 7.26 19.10
CA ALA A 101 12.92 7.49 17.69
C ALA A 101 14.43 7.71 17.61
N ALA A 102 15.17 6.61 17.48
CA ALA A 102 16.62 6.64 17.63
C ALA A 102 17.31 7.57 16.63
N LYS A 103 16.71 7.83 15.48
CA LYS A 103 17.37 8.61 14.43
C LYS A 103 16.90 10.07 14.36
N GLY A 104 16.16 10.55 15.37
CA GLY A 104 15.72 11.92 15.40
C GLY A 104 14.64 12.24 14.38
N ASN A 105 14.44 13.54 14.17
CA ASN A 105 13.36 13.98 13.29
C ASN A 105 13.73 13.76 11.83
N LEU A 106 12.70 13.73 10.99
CA LEU A 106 12.88 13.38 9.59
C LEU A 106 13.74 14.40 8.85
N ARG A 107 13.68 15.67 9.27
CA ARG A 107 14.42 16.71 8.56
C ARG A 107 15.92 16.54 8.73
N GLU A 108 16.37 16.43 9.98
CA GLU A 108 17.80 16.20 10.23
C GLU A 108 18.23 14.82 9.74
N PHE A 109 17.31 13.86 9.74
CA PHE A 109 17.61 12.55 9.14
C PHE A 109 17.95 12.69 7.66
N LEU A 110 17.18 13.53 6.95
CA LEU A 110 17.41 13.69 5.50
C LEU A 110 18.65 14.53 5.23
N ARG A 111 18.84 15.61 6.00
CA ARG A 111 20.00 16.47 5.77
C ARG A 111 21.30 15.73 6.03
N ALA A 112 21.35 14.91 7.08
CA ALA A 112 22.57 14.20 7.44
C ALA A 112 22.94 13.13 6.42
N ARG A 113 21.98 12.63 5.64
CA ARG A 113 22.24 11.62 4.62
C ARG A 113 22.26 12.21 3.21
N ARG A 114 22.39 13.52 3.10
CA ARG A 114 22.58 14.15 1.80
C ARG A 114 23.96 13.76 1.26
N PRO A 115 24.06 13.37 -0.01
CA PRO A 115 25.37 13.13 -0.61
C PRO A 115 26.16 14.43 -0.68
N PRO A 116 27.49 14.36 -0.74
CA PRO A 116 28.27 15.60 -0.89
C PRO A 116 27.71 16.52 -1.96
N GLY A 117 27.48 15.98 -3.16
CA GLY A 117 26.61 16.58 -4.14
C GLY A 117 27.01 17.98 -4.61
N PRO A 118 26.26 18.51 -5.59
CA PRO A 118 25.15 17.80 -6.24
C PRO A 118 25.60 16.83 -7.32
N PRO A 131 21.73 5.38 0.24
CA PRO A 131 20.95 5.47 1.48
C PRO A 131 19.59 6.12 1.29
N LEU A 132 19.55 7.25 0.60
CA LEU A 132 18.30 7.98 0.35
C LEU A 132 17.82 7.73 -1.09
N SER A 133 17.66 6.46 -1.42
CA SER A 133 17.13 6.09 -2.71
C SER A 133 15.68 6.52 -2.84
N PHE A 134 15.22 6.56 -4.09
CA PHE A 134 13.83 6.97 -4.35
C PHE A 134 12.79 6.13 -3.61
N PRO A 135 12.89 4.79 -3.55
CA PRO A 135 11.90 4.04 -2.77
C PRO A 135 11.91 4.37 -1.29
N VAL A 136 13.07 4.69 -0.71
CA VAL A 136 13.12 5.08 0.69
C VAL A 136 12.38 6.39 0.91
N LEU A 137 12.51 7.34 -0.03
CA LEU A 137 11.83 8.62 0.11
C LEU A 137 10.33 8.47 -0.07
N VAL A 138 9.90 7.67 -1.06
CA VAL A 138 8.48 7.41 -1.23
C VAL A 138 7.94 6.69 -0.01
N SER A 139 8.72 5.76 0.56
CA SER A 139 8.29 5.07 1.78
C SER A 139 8.06 6.06 2.91
N CYS A 140 8.97 7.03 3.09
CA CYS A 140 8.80 8.06 4.11
C CYS A 140 7.48 8.79 3.94
N ALA A 141 7.21 9.26 2.71
CA ALA A 141 5.98 10.00 2.44
C ALA A 141 4.75 9.13 2.69
N TYR A 142 4.78 7.89 2.21
CA TYR A 142 3.64 7.00 2.37
C TYR A 142 3.36 6.72 3.84
N GLN A 143 4.41 6.54 4.65
CA GLN A 143 4.20 6.25 6.07
C GLN A 143 3.57 7.42 6.81
N VAL A 144 4.05 8.64 6.54
CA VAL A 144 3.44 9.82 7.16
C VAL A 144 1.98 9.92 6.76
N ALA A 145 1.67 9.65 5.48
CA ALA A 145 0.30 9.72 5.01
C ALA A 145 -0.58 8.69 5.71
N ARG A 146 -0.06 7.49 5.94
CA ARG A 146 -0.79 6.50 6.73
C ARG A 146 -1.03 7.00 8.14
N GLY A 147 0.00 7.58 8.77
CA GLY A 147 -0.16 8.07 10.12
C GLY A 147 -1.19 9.19 10.20
N MET A 148 -1.14 10.12 9.23
CA MET A 148 -2.10 11.21 9.22
C MET A 148 -3.51 10.72 8.95
N GLN A 149 -3.64 9.70 8.09
CA GLN A 149 -4.95 9.10 7.85
C GLN A 149 -5.50 8.46 9.13
N TYR A 150 -4.63 7.85 9.94
CA TYR A 150 -5.11 7.30 11.20
C TYR A 150 -5.50 8.40 12.17
N LEU A 151 -4.66 9.44 12.29
CA LEU A 151 -4.97 10.53 13.20
C LEU A 151 -6.29 11.19 12.82
N GLU A 152 -6.52 11.38 11.51
CA GLU A 152 -7.78 11.96 11.06
C GLU A 152 -8.97 11.09 11.45
N SER A 153 -8.84 9.76 11.28
CA SER A 153 -9.93 8.87 11.66
C SER A 153 -10.18 8.88 13.16
N ARG A 154 -9.21 9.33 13.96
CA ARG A 154 -9.40 9.52 15.39
C ARG A 154 -9.74 10.96 15.73
N LYS A 155 -10.20 11.73 14.74
CA LYS A 155 -10.64 13.11 14.93
C LYS A 155 -9.52 13.99 15.49
N CYS A 156 -8.29 13.71 15.07
CA CYS A 156 -7.13 14.46 15.51
C CYS A 156 -6.65 15.35 14.36
N ILE A 157 -6.52 16.64 14.64
CA ILE A 157 -5.94 17.61 13.72
C ILE A 157 -4.57 18.00 14.27
N HIS A 158 -3.54 17.91 13.45
CA HIS A 158 -2.18 18.09 13.96
C HIS A 158 -1.82 19.57 14.09
N ARG A 159 -2.10 20.36 13.06
CA ARG A 159 -1.89 21.81 12.99
C ARG A 159 -0.42 22.20 12.88
N ASP A 160 0.51 21.26 12.93
CA ASP A 160 1.93 21.61 12.83
C ASP A 160 2.70 20.49 12.13
N LEU A 161 2.12 19.94 11.07
CA LEU A 161 2.78 18.85 10.35
C LEU A 161 3.95 19.39 9.53
N ALA A 162 5.13 18.81 9.73
CA ALA A 162 6.36 19.24 9.09
C ALA A 162 7.40 18.17 9.34
N ALA A 163 8.44 18.16 8.50
CA ALA A 163 9.48 17.13 8.62
C ALA A 163 10.16 17.17 9.99
N ARG A 164 10.23 18.34 10.61
CA ARG A 164 10.78 18.44 11.97
C ARG A 164 9.90 17.75 12.99
N ASN A 165 8.61 17.58 12.71
CA ASN A 165 7.67 16.94 13.62
C ASN A 165 7.37 15.51 13.22
N VAL A 166 8.17 14.92 12.34
CA VAL A 166 8.11 13.50 12.02
C VAL A 166 9.43 12.88 12.44
N LEU A 167 9.35 11.81 13.21
CA LEU A 167 10.54 11.18 13.80
C LEU A 167 10.82 9.83 13.14
N VAL A 168 12.08 9.40 13.23
CA VAL A 168 12.55 8.19 12.57
C VAL A 168 13.10 7.23 13.61
N THR A 169 12.72 5.96 13.51
CA THR A 169 13.18 4.93 14.43
C THR A 169 14.43 4.26 13.88
N GLU A 170 14.95 3.27 14.62
CA GLU A 170 16.11 2.51 14.16
C GLU A 170 15.85 1.82 12.84
N ASP A 171 14.58 1.49 12.56
CA ASP A 171 14.21 0.71 11.38
C ASP A 171 13.55 1.56 10.30
N ASN A 172 13.82 2.86 10.30
CA ASN A 172 13.32 3.78 9.27
C ASN A 172 11.79 3.79 9.23
N VAL A 173 11.17 3.66 10.40
CA VAL A 173 9.72 3.79 10.53
C VAL A 173 9.42 5.25 10.85
N MET A 174 8.60 5.88 10.01
CA MET A 174 8.19 7.25 10.27
C MET A 174 7.14 7.28 11.37
N LYS A 175 7.28 8.23 12.31
CA LYS A 175 6.35 8.36 13.41
C LYS A 175 6.04 9.83 13.63
N ILE A 176 4.76 10.19 13.49
CA ILE A 176 4.32 11.55 13.75
C ILE A 176 4.34 11.82 15.25
N ALA A 177 4.93 12.95 15.64
CA ALA A 177 5.05 13.35 17.03
C ALA A 177 4.20 14.59 17.30
N ASP A 178 3.92 14.80 18.59
CA ASP A 178 3.21 15.99 19.08
C ASP A 178 1.86 16.17 18.37
N PHE A 179 1.07 15.09 18.35
CA PHE A 179 -0.27 15.13 17.77
C PHE A 179 -1.35 15.32 18.83
N GLY A 180 -1.02 15.29 20.11
CA GLY A 180 -2.01 15.39 21.15
C GLY A 180 -1.94 16.69 21.94
N LEU A 181 -1.66 17.79 21.25
CA LEU A 181 -1.51 19.09 21.90
C LEU A 181 -2.71 19.99 21.63
N LEU A 199 2.88 30.79 13.40
CA LEU A 199 4.27 31.25 13.36
C LEU A 199 5.07 30.46 12.31
N PRO A 200 4.94 29.12 12.26
CA PRO A 200 5.58 28.41 11.15
C PRO A 200 4.77 28.54 9.86
N VAL A 201 4.74 29.78 9.33
CA VAL A 201 3.80 30.12 8.28
C VAL A 201 4.11 29.41 6.97
N LYS A 202 5.35 28.96 6.76
CA LYS A 202 5.68 28.33 5.49
C LYS A 202 5.03 26.96 5.33
N TRP A 203 4.44 26.40 6.40
CA TRP A 203 3.73 25.13 6.32
C TRP A 203 2.22 25.28 6.41
N MET A 204 1.71 26.48 6.67
CA MET A 204 0.30 26.65 7.01
C MET A 204 -0.54 26.92 5.78
N ALA A 205 -1.72 26.30 5.75
CA ALA A 205 -2.69 26.54 4.70
C ALA A 205 -3.20 27.97 4.78
N PRO A 206 -3.70 28.52 3.67
CA PRO A 206 -4.18 29.92 3.70
C PRO A 206 -5.27 30.15 4.73
N GLU A 207 -6.24 29.24 4.86
CA GLU A 207 -7.30 29.43 5.84
C GLU A 207 -6.74 29.47 7.26
N ALA A 208 -5.58 28.85 7.48
CA ALA A 208 -4.91 28.95 8.78
C ALA A 208 -4.05 30.20 8.88
N LEU A 209 -3.48 30.64 7.75
CA LEU A 209 -2.72 31.88 7.73
C LEU A 209 -3.59 33.08 8.05
N PHE A 210 -4.76 33.16 7.41
CA PHE A 210 -5.58 34.36 7.42
C PHE A 210 -6.81 34.27 8.30
N ASP A 211 -7.48 33.12 8.33
CA ASP A 211 -8.69 32.97 9.11
C ASP A 211 -8.47 32.21 10.42
N ARG A 212 -7.24 31.78 10.68
CA ARG A 212 -6.89 31.04 11.91
C ARG A 212 -7.75 29.81 12.11
N VAL A 213 -8.18 29.16 11.02
CA VAL A 213 -8.99 27.95 11.11
C VAL A 213 -8.17 26.78 10.62
N TYR A 214 -8.25 25.66 11.36
CA TYR A 214 -7.48 24.45 11.07
C TYR A 214 -8.45 23.30 10.85
N THR A 215 -8.34 22.67 9.69
CA THR A 215 -9.13 21.50 9.34
C THR A 215 -8.17 20.35 8.99
N HIS A 216 -8.73 19.18 8.69
CA HIS A 216 -7.90 18.10 8.16
C HIS A 216 -7.30 18.49 6.82
N GLN A 217 -8.06 19.25 6.01
CA GLN A 217 -7.55 19.69 4.72
C GLN A 217 -6.41 20.70 4.89
N SER A 218 -6.43 21.45 5.98
CA SER A 218 -5.30 22.30 6.31
C SER A 218 -4.04 21.47 6.55
N ASP A 219 -4.18 20.35 7.27
CA ASP A 219 -3.07 19.41 7.44
C ASP A 219 -2.60 18.88 6.09
N VAL A 220 -3.55 18.65 5.17
CA VAL A 220 -3.20 18.16 3.84
C VAL A 220 -2.27 19.15 3.13
N TRP A 221 -2.60 20.44 3.19
CA TRP A 221 -1.68 21.46 2.66
C TRP A 221 -0.29 21.30 3.26
N SER A 222 -0.23 21.16 4.60
CA SER A 222 1.06 20.96 5.27
C SER A 222 1.74 19.70 4.78
N PHE A 223 0.96 18.64 4.48
CA PHE A 223 1.56 17.41 3.97
C PHE A 223 2.24 17.65 2.63
N GLY A 224 1.62 18.50 1.79
CA GLY A 224 2.27 18.88 0.54
C GLY A 224 3.62 19.53 0.76
N ILE A 225 3.68 20.46 1.72
CA ILE A 225 4.96 21.07 2.06
C ILE A 225 5.94 20.02 2.55
N LEU A 226 5.46 19.10 3.40
CA LEU A 226 6.33 18.03 3.90
C LEU A 226 6.81 17.14 2.76
N LEU A 227 5.93 16.84 1.80
CA LEU A 227 6.35 16.13 0.59
C LEU A 227 7.54 16.82 -0.06
N TRP A 228 7.39 18.13 -0.30
CA TRP A 228 8.49 18.90 -0.89
C TRP A 228 9.75 18.81 -0.04
N GLU A 229 9.60 18.85 1.28
CA GLU A 229 10.76 18.70 2.16
C GLU A 229 11.47 17.36 1.93
N ILE A 230 10.70 16.30 1.71
CA ILE A 230 11.29 14.97 1.56
C ILE A 230 12.09 14.89 0.27
N PHE A 231 11.49 15.28 -0.84
CA PHE A 231 12.15 15.18 -2.14
C PHE A 231 13.06 16.36 -2.44
N THR A 232 13.39 17.17 -1.42
CA THR A 232 14.57 18.03 -1.45
C THR A 232 15.59 17.59 -0.42
N LEU A 233 15.38 16.42 0.20
CA LEU A 233 16.29 15.86 1.19
C LEU A 233 16.46 16.79 2.39
N GLY A 234 15.40 17.50 2.73
CA GLY A 234 15.39 18.36 3.89
C GLY A 234 15.54 19.83 3.62
N GLY A 235 15.05 20.32 2.48
CA GLY A 235 15.24 21.72 2.13
C GLY A 235 14.29 22.65 2.85
N SER A 236 14.66 23.92 2.87
CA SER A 236 13.81 24.93 3.48
C SER A 236 12.76 25.39 2.48
N PRO A 237 11.48 25.40 2.86
CA PRO A 237 10.44 25.79 1.92
C PRO A 237 10.58 27.24 1.48
N TYR A 238 10.01 27.52 0.30
CA TYR A 238 10.06 28.80 -0.40
C TYR A 238 11.46 29.38 -0.32
N PRO A 239 12.43 28.79 -1.00
CA PRO A 239 13.82 29.24 -0.85
C PRO A 239 14.05 30.59 -1.52
N GLY A 240 14.74 31.46 -0.81
CA GLY A 240 15.09 32.75 -1.36
C GLY A 240 14.03 33.80 -1.10
N ILE A 241 12.76 33.41 -1.22
CA ILE A 241 11.65 34.36 -1.09
C ILE A 241 11.53 34.80 0.37
N PRO A 242 11.46 36.10 0.65
CA PRO A 242 11.28 36.53 2.04
C PRO A 242 9.90 36.20 2.55
N VAL A 243 9.80 36.07 3.88
CA VAL A 243 8.56 35.64 4.52
C VAL A 243 7.41 36.61 4.29
N GLU A 244 7.71 37.87 3.99
CA GLU A 244 6.63 38.84 3.82
C GLU A 244 5.93 38.69 2.47
N GLU A 245 6.66 38.26 1.43
CA GLU A 245 6.07 38.08 0.12
C GLU A 245 5.28 36.80 -0.01
N LEU A 246 5.43 35.87 0.94
CA LEU A 246 4.80 34.55 0.83
C LEU A 246 3.29 34.65 0.69
N PHE A 247 2.66 35.53 1.48
CA PHE A 247 1.21 35.58 1.52
C PHE A 247 0.63 36.08 0.20
N SER A 248 1.22 37.14 -0.36
CA SER A 248 0.72 37.65 -1.63
C SER A 248 0.96 36.67 -2.77
N LEU A 249 2.11 36.01 -2.76
CA LEU A 249 2.42 35.07 -3.84
C LEU A 249 1.56 33.81 -3.77
N LEU A 250 1.15 33.41 -2.56
CA LEU A 250 0.14 32.36 -2.46
C LEU A 250 -1.22 32.85 -2.95
N ARG A 251 -1.57 34.09 -2.63
CA ARG A 251 -2.85 34.66 -3.08
C ARG A 251 -2.89 34.83 -4.58
N GLU A 252 -1.74 35.01 -5.22
CA GLU A 252 -1.69 35.19 -6.66
C GLU A 252 -1.46 33.87 -7.40
N GLY A 253 -1.74 32.74 -6.75
CA GLY A 253 -1.73 31.44 -7.41
C GLY A 253 -0.37 30.81 -7.56
N HIS A 254 0.68 31.41 -7.03
CA HIS A 254 2.02 30.89 -7.19
C HIS A 254 2.34 29.90 -6.07
N ARG A 255 3.06 28.84 -6.44
CA ARG A 255 3.46 27.78 -5.52
C ARG A 255 4.93 27.46 -5.78
N MET A 256 5.48 26.61 -4.92
CA MET A 256 6.87 26.21 -5.08
C MET A 256 7.08 25.42 -6.37
N ASP A 257 8.27 25.54 -6.93
CA ASP A 257 8.60 24.82 -8.16
C ASP A 257 8.93 23.36 -7.85
N ARG A 258 8.91 22.55 -8.90
CA ARG A 258 9.23 21.13 -8.77
C ARG A 258 10.68 20.97 -8.34
N PRO A 259 10.96 20.31 -7.23
CA PRO A 259 12.35 20.10 -6.83
C PRO A 259 13.09 19.29 -7.86
N PRO A 260 14.41 19.44 -7.95
CA PRO A 260 15.18 18.69 -8.95
C PRO A 260 15.11 17.20 -8.71
N HIS A 261 15.08 16.44 -9.80
CA HIS A 261 15.01 14.98 -9.81
C HIS A 261 13.70 14.45 -9.24
N CYS A 262 12.70 15.33 -9.06
CA CYS A 262 11.41 14.89 -8.52
C CYS A 262 10.47 14.54 -9.65
N PRO A 263 9.91 13.33 -9.67
CA PRO A 263 9.02 12.95 -10.75
C PRO A 263 7.81 13.87 -10.80
N PRO A 264 7.25 14.10 -11.99
CA PRO A 264 6.06 14.97 -12.09
C PRO A 264 4.85 14.44 -11.35
N GLU A 265 4.76 13.12 -11.14
CA GLU A 265 3.60 12.58 -10.46
C GLU A 265 3.59 12.97 -9.00
N LEU A 266 4.76 12.99 -8.35
CA LEU A 266 4.82 13.42 -6.95
C LEU A 266 4.65 14.93 -6.84
N TYR A 267 5.16 15.69 -7.81
CA TYR A 267 4.93 17.13 -7.81
C TYR A 267 3.46 17.44 -8.08
N GLY A 268 2.82 16.67 -8.96
CA GLY A 268 1.39 16.79 -9.13
C GLY A 268 0.64 16.58 -7.83
N LEU A 269 1.14 15.68 -6.98
CA LEU A 269 0.53 15.45 -5.68
C LEU A 269 0.72 16.64 -4.75
N MET A 270 1.92 17.22 -4.73
CA MET A 270 2.15 18.44 -3.97
C MET A 270 1.21 19.55 -4.42
N ARG A 271 1.10 19.76 -5.74
CA ARG A 271 0.29 20.85 -6.25
C ARG A 271 -1.17 20.66 -5.89
N GLU A 272 -1.64 19.41 -5.90
CA GLU A 272 -3.01 19.15 -5.49
C GLU A 272 -3.23 19.49 -4.02
N CYS A 273 -2.22 19.22 -3.19
CA CYS A 273 -2.31 19.59 -1.77
C CYS A 273 -2.31 21.10 -1.57
N TRP A 274 -1.80 21.85 -2.54
CA TRP A 274 -1.68 23.30 -2.43
C TRP A 274 -2.79 24.03 -3.18
N HIS A 275 -3.90 23.37 -3.47
CA HIS A 275 -5.04 24.07 -4.03
C HIS A 275 -5.61 25.03 -2.99
N ALA A 276 -6.05 26.19 -3.46
CA ALA A 276 -6.60 27.20 -2.56
C ALA A 276 -7.80 26.68 -1.80
N ALA A 277 -8.76 26.08 -2.51
CA ALA A 277 -9.97 25.57 -1.86
C ALA A 277 -9.65 24.27 -1.13
N PRO A 278 -10.02 24.14 0.14
CA PRO A 278 -9.74 22.88 0.87
C PRO A 278 -10.45 21.68 0.28
N SER A 279 -11.66 21.86 -0.24
CA SER A 279 -12.38 20.75 -0.85
C SER A 279 -11.72 20.25 -2.12
N GLN A 280 -10.89 21.07 -2.78
CA GLN A 280 -10.18 20.61 -3.96
C GLN A 280 -8.90 19.87 -3.63
N ARG A 281 -8.37 20.05 -2.42
CA ARG A 281 -7.20 19.29 -2.02
C ARG A 281 -7.59 17.82 -1.80
N PRO A 282 -6.68 16.90 -2.05
CA PRO A 282 -6.99 15.48 -1.82
C PRO A 282 -7.12 15.18 -0.34
N THR A 283 -7.87 14.13 -0.04
CA THR A 283 -7.92 13.63 1.33
C THR A 283 -6.70 12.78 1.63
N PHE A 284 -6.40 12.62 2.91
CA PHE A 284 -5.30 11.74 3.30
C PHE A 284 -5.51 10.32 2.79
N LYS A 285 -6.76 9.87 2.72
CA LYS A 285 -7.06 8.57 2.12
C LYS A 285 -6.60 8.50 0.66
N GLN A 286 -6.98 9.51 -0.14
CA GLN A 286 -6.50 9.56 -1.53
C GLN A 286 -4.99 9.66 -1.60
N LEU A 287 -4.38 10.39 -0.65
CA LEU A 287 -2.92 10.48 -0.62
C LEU A 287 -2.29 9.12 -0.34
N VAL A 288 -2.86 8.37 0.61
CA VAL A 288 -2.37 7.03 0.90
C VAL A 288 -2.41 6.17 -0.36
N GLU A 289 -3.54 6.18 -1.07
CA GLU A 289 -3.68 5.38 -2.27
C GLU A 289 -2.69 5.81 -3.35
N ALA A 290 -2.58 7.13 -3.58
CA ALA A 290 -1.70 7.64 -4.62
C ALA A 290 -0.24 7.29 -4.32
N LEU A 291 0.17 7.47 -3.07
CA LEU A 291 1.56 7.17 -2.71
C LEU A 291 1.83 5.67 -2.69
N ASP A 292 0.77 4.86 -2.49
CA ASP A 292 0.93 3.41 -2.54
C ASP A 292 1.11 2.92 -3.97
N LYS A 293 0.43 3.55 -4.93
CA LYS A 293 0.67 3.22 -6.33
C LYS A 293 2.10 3.57 -6.74
N VAL A 294 2.66 4.65 -6.18
CA VAL A 294 4.04 5.01 -6.50
C VAL A 294 5.00 3.99 -5.90
N LEU A 295 4.82 3.68 -4.61
CA LEU A 295 5.63 2.66 -3.96
C LEU A 295 5.57 1.34 -4.71
N LEU A 296 4.39 0.94 -5.17
CA LEU A 296 4.26 -0.29 -5.94
C LEU A 296 4.92 -0.15 -7.31
N ALA A 297 4.86 1.04 -7.92
CA ALA A 297 5.46 1.23 -9.23
C ALA A 297 6.98 1.06 -9.18
N VAL A 298 7.61 1.50 -8.09
CA VAL A 298 9.07 1.38 -8.00
C VAL A 298 9.48 -0.02 -7.55
N SER A 299 8.64 -0.69 -6.76
CA SER A 299 8.95 -2.03 -6.27
C SER A 299 8.71 -3.11 -7.32
N GLU A 300 8.05 -2.78 -8.43
CA GLU A 300 7.74 -3.74 -9.48
C GLU A 300 8.99 -4.34 -10.10
N ASP B 1 -25.52 -9.39 -36.74
CA ASP B 1 -26.37 -10.22 -35.89
C ASP B 1 -26.22 -9.84 -34.41
N LEU B 2 -25.00 -9.49 -34.02
CA LEU B 2 -24.74 -9.11 -32.63
C LEU B 2 -25.14 -7.65 -32.41
N PRO B 3 -25.67 -7.32 -31.23
CA PRO B 3 -26.05 -5.93 -30.96
C PRO B 3 -24.86 -4.99 -31.06
N LEU B 4 -25.14 -3.73 -31.42
CA LEU B 4 -24.09 -2.73 -31.65
C LEU B 4 -23.99 -1.85 -30.40
N ASP B 5 -22.87 -1.96 -29.69
CA ASP B 5 -22.67 -1.22 -28.45
C ASP B 5 -21.79 -0.02 -28.74
N PRO B 6 -22.32 1.20 -28.70
CA PRO B 6 -21.48 2.39 -28.96
C PRO B 6 -20.39 2.59 -27.94
N LEU B 7 -20.52 2.01 -26.74
CA LEU B 7 -19.49 2.19 -25.72
C LEU B 7 -18.23 1.38 -26.01
N TRP B 8 -18.32 0.35 -26.88
CA TRP B 8 -17.20 -0.55 -27.06
C TRP B 8 -16.84 -0.87 -28.51
N GLU B 9 -17.76 -0.72 -29.47
CA GLU B 9 -17.48 -1.18 -30.83
C GLU B 9 -16.24 -0.52 -31.42
N PHE B 10 -15.42 -1.32 -32.08
CA PHE B 10 -14.16 -0.93 -32.67
C PHE B 10 -14.14 -1.33 -34.14
N PRO B 11 -13.59 -0.50 -35.03
CA PRO B 11 -13.63 -0.82 -36.46
C PRO B 11 -12.60 -1.88 -36.83
N ARG B 12 -13.02 -2.85 -37.63
CA ARG B 12 -12.11 -3.90 -38.07
C ARG B 12 -10.91 -3.33 -38.82
N ASP B 13 -11.16 -2.36 -39.70
CA ASP B 13 -10.10 -1.74 -40.49
C ASP B 13 -8.99 -1.13 -39.64
N ARG B 14 -9.17 -1.09 -38.32
CA ARG B 14 -8.13 -0.61 -37.41
C ARG B 14 -7.52 -1.74 -36.58
N LEU B 15 -7.92 -2.99 -36.80
CA LEU B 15 -7.40 -4.14 -36.07
C LEU B 15 -6.81 -5.13 -37.06
N VAL B 16 -5.51 -5.38 -36.95
CA VAL B 16 -4.82 -6.36 -37.77
C VAL B 16 -4.35 -7.49 -36.87
N LEU B 17 -4.81 -8.71 -37.17
CA LEU B 17 -4.47 -9.87 -36.36
C LEU B 17 -3.04 -10.31 -36.61
N GLY B 18 -2.32 -10.63 -35.53
CA GLY B 18 -0.96 -11.12 -35.58
C GLY B 18 -0.89 -12.62 -35.35
N LYS B 19 0.22 -13.06 -34.75
CA LYS B 19 0.45 -14.48 -34.55
C LYS B 19 -0.26 -14.98 -33.30
N PRO B 20 -0.93 -16.13 -33.38
CA PRO B 20 -1.63 -16.67 -32.20
C PRO B 20 -0.67 -16.92 -31.04
N LEU B 21 -1.26 -17.06 -29.85
CA LEU B 21 -0.52 -17.30 -28.62
C LEU B 21 -0.94 -18.55 -27.88
N GLY B 22 -2.14 -19.07 -28.12
CA GLY B 22 -2.61 -20.26 -27.46
C GLY B 22 -4.06 -20.56 -27.78
N GLU B 23 -4.39 -21.85 -27.95
CA GLU B 23 -5.76 -22.24 -28.27
C GLU B 23 -6.51 -22.68 -27.01
N GLY B 27 -12.36 -19.37 -26.91
CA GLY B 27 -11.79 -20.19 -27.97
C GLY B 27 -10.28 -20.10 -28.04
N GLN B 28 -9.78 -19.19 -28.89
CA GLN B 28 -8.35 -18.98 -29.06
C GLN B 28 -8.03 -17.51 -28.80
N VAL B 29 -6.75 -17.25 -28.53
CA VAL B 29 -6.26 -15.90 -28.24
C VAL B 29 -5.05 -15.63 -29.12
N VAL B 30 -5.10 -14.53 -29.87
CA VAL B 30 -4.05 -14.18 -30.82
C VAL B 30 -3.51 -12.79 -30.53
N ARG B 31 -2.24 -12.59 -30.83
CA ARG B 31 -1.67 -11.25 -30.79
C ARG B 31 -2.27 -10.42 -31.92
N ALA B 32 -2.29 -9.11 -31.72
CA ALA B 32 -2.89 -8.20 -32.70
C ALA B 32 -2.36 -6.80 -32.47
N GLU B 33 -2.57 -5.95 -33.47
CA GLU B 33 -2.20 -4.55 -33.42
C GLU B 33 -3.46 -3.73 -33.68
N ALA B 34 -3.66 -2.68 -32.87
CA ALA B 34 -4.86 -1.87 -32.94
C ALA B 34 -4.47 -0.41 -33.18
N PHE B 35 -5.05 0.18 -34.23
CA PHE B 35 -4.80 1.58 -34.59
C PHE B 35 -5.88 2.46 -33.98
N GLY B 36 -5.47 3.39 -33.13
CA GLY B 36 -6.43 4.29 -32.52
C GLY B 36 -7.20 3.71 -31.36
N MET B 37 -6.62 2.71 -30.66
CA MET B 37 -7.27 2.21 -29.45
C MET B 37 -7.44 3.32 -28.42
N ASP B 38 -6.50 4.27 -28.38
CA ASP B 38 -6.65 5.49 -27.59
C ASP B 38 -7.27 6.56 -28.47
N PRO B 39 -8.45 7.09 -28.15
CA PRO B 39 -9.02 8.15 -29.01
C PRO B 39 -8.33 9.49 -28.81
N ARG B 41 -3.92 9.49 -29.58
CA ARG B 41 -4.04 9.79 -31.00
C ARG B 41 -4.68 8.65 -31.76
N PRO B 42 -5.61 8.97 -32.68
CA PRO B 42 -6.25 7.91 -33.48
C PRO B 42 -5.33 7.25 -34.48
N ASP B 43 -4.17 7.84 -34.75
CA ASP B 43 -3.19 7.22 -35.65
C ASP B 43 -2.22 6.30 -34.92
N GLN B 44 -2.03 6.50 -33.61
CA GLN B 44 -1.12 5.66 -32.85
C GLN B 44 -1.62 4.22 -32.81
N ALA B 45 -0.69 3.28 -32.90
CA ALA B 45 -0.97 1.86 -32.83
C ALA B 45 -0.55 1.30 -31.48
N SER B 46 -1.25 0.27 -31.03
CA SER B 46 -0.95 -0.36 -29.75
C SER B 46 -0.97 -1.87 -29.89
N THR B 47 -0.17 -2.53 -29.07
CA THR B 47 -0.14 -3.99 -29.04
C THR B 47 -1.26 -4.49 -28.14
N VAL B 48 -2.16 -5.29 -28.69
CA VAL B 48 -3.30 -5.83 -27.95
C VAL B 48 -3.33 -7.35 -28.12
N ALA B 49 -4.33 -7.96 -27.50
CA ALA B 49 -4.64 -9.37 -27.69
C ALA B 49 -6.10 -9.49 -28.05
N VAL B 50 -6.44 -10.53 -28.81
CA VAL B 50 -7.80 -10.71 -29.32
C VAL B 50 -8.25 -12.13 -29.01
N LYS B 51 -9.37 -12.24 -28.30
CA LYS B 51 -10.06 -13.51 -28.15
C LYS B 51 -11.00 -13.70 -29.32
N MET B 52 -11.06 -14.92 -29.84
CA MET B 52 -11.95 -15.24 -30.95
C MET B 52 -12.27 -16.73 -30.88
N LEU B 53 -13.10 -17.18 -31.82
CA LEU B 53 -13.47 -18.58 -31.89
C LEU B 53 -12.51 -19.34 -32.82
N LYS B 54 -12.56 -20.67 -32.72
CA LYS B 54 -11.73 -21.54 -33.55
C LYS B 54 -12.50 -21.93 -34.79
N ASP B 55 -12.07 -23.01 -35.46
CA ASP B 55 -12.67 -23.46 -36.72
C ASP B 55 -12.61 -22.37 -37.79
N ASP B 59 -21.39 -22.38 -32.74
CA ASP B 59 -21.52 -23.33 -31.64
C ASP B 59 -22.00 -22.61 -30.38
N LYS B 60 -22.16 -23.35 -29.28
CA LYS B 60 -22.37 -22.74 -27.99
C LYS B 60 -21.13 -21.98 -27.51
N ASP B 61 -19.98 -22.20 -28.16
CA ASP B 61 -18.79 -21.43 -27.83
C ASP B 61 -18.96 -19.97 -28.17
N LEU B 62 -19.77 -19.66 -29.19
CA LEU B 62 -20.13 -18.28 -29.46
C LEU B 62 -20.87 -17.66 -28.30
N ALA B 63 -21.84 -18.39 -27.73
CA ALA B 63 -22.58 -17.88 -26.59
C ALA B 63 -21.68 -17.67 -25.39
N ASP B 64 -20.71 -18.57 -25.18
CA ASP B 64 -19.77 -18.41 -24.07
C ASP B 64 -18.89 -17.17 -24.28
N LEU B 65 -18.34 -17.02 -25.48
CA LEU B 65 -17.48 -15.86 -25.75
C LEU B 65 -18.25 -14.55 -25.62
N VAL B 66 -19.49 -14.52 -26.13
CA VAL B 66 -20.33 -13.33 -25.97
C VAL B 66 -20.61 -13.09 -24.49
N SER B 67 -20.89 -14.15 -23.75
CA SER B 67 -21.14 -14.01 -22.31
C SER B 67 -19.94 -13.41 -21.59
N GLU B 68 -18.74 -13.90 -21.93
CA GLU B 68 -17.54 -13.35 -21.31
C GLU B 68 -17.34 -11.89 -21.67
N MET B 69 -17.59 -11.54 -22.94
CA MET B 69 -17.49 -10.14 -23.36
C MET B 69 -18.38 -9.24 -22.53
N GLU B 70 -19.64 -9.67 -22.32
CA GLU B 70 -20.59 -8.83 -21.58
C GLU B 70 -20.24 -8.78 -20.10
N VAL B 71 -19.71 -9.88 -19.54
CA VAL B 71 -19.30 -9.86 -18.15
C VAL B 71 -18.15 -8.88 -17.95
N MET B 72 -17.19 -8.86 -18.89
CA MET B 72 -16.09 -7.90 -18.80
C MET B 72 -16.60 -6.47 -18.83
N LYS B 73 -17.62 -6.20 -19.65
CA LYS B 73 -18.25 -4.88 -19.65
C LYS B 73 -18.81 -4.55 -18.27
N LEU B 74 -19.56 -5.47 -17.67
CA LEU B 74 -20.16 -5.23 -16.37
C LEU B 74 -19.10 -4.99 -15.30
N ILE B 75 -18.09 -5.85 -15.24
CA ILE B 75 -17.13 -5.82 -14.14
C ILE B 75 -16.36 -4.51 -14.13
N GLY B 76 -16.06 -3.97 -15.31
CA GLY B 76 -15.34 -2.71 -15.39
C GLY B 76 -13.82 -2.89 -15.31
N ARG B 77 -13.13 -1.77 -15.40
CA ARG B 77 -11.69 -1.71 -15.55
C ARG B 77 -10.97 -1.77 -14.21
N HIS B 78 -9.81 -2.41 -14.19
CA HIS B 78 -8.91 -2.38 -13.04
C HIS B 78 -7.50 -2.67 -13.51
N LYS B 79 -6.54 -2.04 -12.81
CA LYS B 79 -5.12 -2.17 -13.15
C LYS B 79 -4.68 -3.63 -13.23
N ASN B 80 -5.18 -4.48 -12.34
CA ASN B 80 -4.63 -5.82 -12.15
C ASN B 80 -5.54 -6.92 -12.68
N ILE B 81 -6.33 -6.62 -13.72
CA ILE B 81 -7.07 -7.61 -14.46
C ILE B 81 -6.82 -7.38 -15.94
N ILE B 82 -7.14 -8.38 -16.75
CA ILE B 82 -7.08 -8.22 -18.20
C ILE B 82 -8.31 -7.43 -18.63
N ASN B 83 -8.10 -6.17 -19.01
CA ASN B 83 -9.21 -5.27 -19.29
C ASN B 83 -9.68 -5.40 -20.73
N LEU B 84 -10.99 -5.28 -20.93
CA LEU B 84 -11.55 -5.17 -22.26
C LEU B 84 -11.11 -3.86 -22.88
N LEU B 85 -10.84 -3.89 -24.18
CA LEU B 85 -10.45 -2.69 -24.92
C LEU B 85 -11.40 -2.36 -26.07
N GLY B 86 -12.02 -3.35 -26.69
CA GLY B 86 -12.92 -3.10 -27.80
C GLY B 86 -13.45 -4.42 -28.32
N VAL B 87 -14.47 -4.32 -29.16
CA VAL B 87 -15.12 -5.49 -29.74
C VAL B 87 -15.43 -5.22 -31.20
N CYS B 88 -15.49 -6.29 -31.98
CA CYS B 88 -15.90 -6.24 -33.39
C CYS B 88 -16.98 -7.29 -33.58
N THR B 89 -18.20 -6.84 -33.89
CA THR B 89 -19.36 -7.71 -33.83
C THR B 89 -20.22 -7.70 -35.08
N GLN B 90 -19.94 -6.85 -36.05
CA GLN B 90 -20.92 -6.59 -37.11
C GLN B 90 -20.62 -7.32 -38.41
N GLU B 91 -19.53 -6.96 -39.07
CA GLU B 91 -19.25 -7.43 -40.42
C GLU B 91 -19.08 -8.94 -40.51
N GLY B 92 -18.49 -9.57 -39.48
CA GLY B 92 -18.25 -10.99 -39.53
C GLY B 92 -17.92 -11.63 -38.19
N PRO B 93 -16.79 -12.33 -38.12
CA PRO B 93 -16.50 -13.13 -36.92
C PRO B 93 -16.23 -12.26 -35.70
N LEU B 94 -16.78 -12.69 -34.57
CA LEU B 94 -16.68 -11.91 -33.34
C LEU B 94 -15.23 -11.84 -32.87
N TYR B 95 -14.76 -10.62 -32.63
CA TYR B 95 -13.46 -10.37 -32.00
C TYR B 95 -13.68 -9.67 -30.67
N VAL B 96 -12.92 -10.06 -29.66
CA VAL B 96 -12.96 -9.44 -28.35
C VAL B 96 -11.54 -8.96 -28.04
N ILE B 97 -11.34 -7.65 -28.09
CA ILE B 97 -10.01 -7.07 -27.95
C ILE B 97 -9.73 -6.80 -26.47
N VAL B 98 -8.64 -7.36 -25.96
CA VAL B 98 -8.25 -7.21 -24.57
C VAL B 98 -6.79 -6.78 -24.51
N GLU B 99 -6.34 -6.43 -23.31
CA GLU B 99 -4.99 -5.96 -23.13
C GLU B 99 -3.97 -7.05 -23.44
N CYS B 100 -2.77 -6.62 -23.83
CA CYS B 100 -1.68 -7.52 -24.16
C CYS B 100 -0.80 -7.75 -22.95
N ALA B 101 -0.50 -9.01 -22.66
CA ALA B 101 0.39 -9.39 -21.57
C ALA B 101 1.65 -9.96 -22.22
N ALA B 102 2.61 -9.08 -22.50
CA ALA B 102 3.73 -9.42 -23.37
C ALA B 102 4.62 -10.52 -22.79
N LYS B 103 4.62 -10.72 -21.48
CA LYS B 103 5.52 -11.68 -20.86
C LYS B 103 4.84 -13.00 -20.48
N GLY B 104 3.63 -13.26 -20.99
CA GLY B 104 2.98 -14.54 -20.73
C GLY B 104 2.47 -14.64 -19.29
N ASN B 105 2.13 -15.87 -18.91
CA ASN B 105 1.55 -16.09 -17.60
C ASN B 105 2.61 -16.03 -16.50
N LEU B 106 2.16 -15.86 -15.26
CA LEU B 106 3.06 -15.64 -14.15
C LEU B 106 3.93 -16.86 -13.86
N ARG B 107 3.42 -18.06 -14.11
CA ARG B 107 4.17 -19.27 -13.79
C ARG B 107 5.39 -19.42 -14.69
N GLU B 108 5.18 -19.33 -16.01
CA GLU B 108 6.30 -19.42 -16.93
C GLU B 108 7.23 -18.21 -16.81
N PHE B 109 6.67 -17.06 -16.43
CA PHE B 109 7.50 -15.89 -16.14
C PHE B 109 8.47 -16.18 -15.00
N LEU B 110 7.98 -16.83 -13.93
CA LEU B 110 8.83 -17.12 -12.78
C LEU B 110 9.83 -18.24 -13.10
N ARG B 111 9.40 -19.26 -13.84
CA ARG B 111 10.29 -20.38 -14.13
C ARG B 111 11.43 -19.96 -15.05
N ALA B 112 11.15 -19.09 -16.02
CA ALA B 112 12.16 -18.66 -16.98
C ALA B 112 13.22 -17.76 -16.36
N ARG B 113 12.90 -17.09 -15.25
CA ARG B 113 13.85 -16.21 -14.56
C ARG B 113 14.42 -16.88 -13.31
N ARG B 114 14.34 -18.20 -13.22
CA ARG B 114 14.99 -18.91 -12.12
C ARG B 114 16.50 -18.85 -12.29
N PRO B 115 17.24 -18.61 -11.21
CA PRO B 115 18.69 -18.74 -11.28
C PRO B 115 19.10 -20.17 -11.54
N PRO B 116 20.24 -20.42 -12.18
CA PRO B 116 20.62 -21.80 -12.51
C PRO B 116 20.84 -22.68 -11.29
N GLY B 117 21.12 -22.12 -10.13
CA GLY B 117 21.31 -22.91 -8.92
C GLY B 117 20.06 -23.68 -8.51
N PRO B 131 16.97 -10.72 -11.00
CA PRO B 131 15.72 -10.16 -11.51
C PRO B 131 14.49 -10.53 -10.68
N LEU B 132 14.55 -11.69 -10.02
CA LEU B 132 13.46 -12.15 -9.16
C LEU B 132 13.76 -11.85 -7.70
N SER B 133 14.05 -10.58 -7.42
CA SER B 133 14.31 -10.16 -6.06
C SER B 133 13.04 -10.27 -5.21
N PHE B 134 13.25 -10.33 -3.91
CA PHE B 134 12.12 -10.38 -2.97
C PHE B 134 11.11 -9.26 -3.15
N PRO B 135 11.50 -7.99 -3.39
CA PRO B 135 10.46 -6.97 -3.66
C PRO B 135 9.61 -7.28 -4.87
N VAL B 136 10.20 -7.83 -5.93
CA VAL B 136 9.44 -8.17 -7.13
C VAL B 136 8.42 -9.26 -6.82
N LEU B 137 8.81 -10.25 -6.03
CA LEU B 137 7.90 -11.35 -5.71
C LEU B 137 6.75 -10.86 -4.85
N VAL B 138 7.05 -10.07 -3.81
CA VAL B 138 6.00 -9.51 -2.97
C VAL B 138 5.11 -8.59 -3.80
N SER B 139 5.70 -7.85 -4.74
CA SER B 139 4.91 -7.00 -5.63
C SER B 139 3.93 -7.83 -6.45
N CYS B 140 4.38 -8.96 -6.99
CA CYS B 140 3.49 -9.85 -7.73
C CYS B 140 2.32 -10.30 -6.86
N ALA B 141 2.61 -10.77 -5.64
CA ALA B 141 1.56 -11.23 -4.74
C ALA B 141 0.60 -10.11 -4.38
N TYR B 142 1.13 -8.92 -4.09
CA TYR B 142 0.28 -7.78 -3.73
C TYR B 142 -0.65 -7.40 -4.88
N GLN B 143 -0.13 -7.41 -6.10
CA GLN B 143 -0.92 -6.98 -7.25
C GLN B 143 -2.09 -7.94 -7.50
N VAL B 144 -1.82 -9.24 -7.45
CA VAL B 144 -2.90 -10.22 -7.62
C VAL B 144 -3.94 -10.02 -6.53
N ALA B 145 -3.50 -9.75 -5.30
CA ALA B 145 -4.43 -9.55 -4.20
C ALA B 145 -5.30 -8.32 -4.42
N ARG B 146 -4.72 -7.24 -4.94
CA ARG B 146 -5.52 -6.07 -5.29
C ARG B 146 -6.52 -6.42 -6.40
N GLY B 147 -6.07 -7.16 -7.41
CA GLY B 147 -6.97 -7.54 -8.48
C GLY B 147 -8.11 -8.42 -7.98
N MET B 148 -7.80 -9.38 -7.11
CA MET B 148 -8.85 -10.23 -6.56
C MET B 148 -9.79 -9.44 -5.65
N GLN B 149 -9.25 -8.47 -4.92
CA GLN B 149 -10.11 -7.61 -4.11
C GLN B 149 -11.09 -6.83 -4.99
N TYR B 150 -10.62 -6.34 -6.14
CA TYR B 150 -11.53 -5.63 -7.04
C TYR B 150 -12.57 -6.58 -7.62
N LEU B 151 -12.13 -7.73 -8.13
CA LEU B 151 -13.08 -8.68 -8.70
C LEU B 151 -14.15 -9.06 -7.68
N GLU B 152 -13.75 -9.26 -6.43
CA GLU B 152 -14.72 -9.59 -5.38
C GLU B 152 -15.73 -8.47 -5.20
N SER B 153 -15.28 -7.20 -5.19
CA SER B 153 -16.18 -6.08 -5.04
C SER B 153 -17.16 -5.96 -6.21
N ARG B 154 -16.84 -6.58 -7.35
CA ARG B 154 -17.72 -6.62 -8.50
C ARG B 154 -18.49 -7.93 -8.59
N LYS B 155 -18.63 -8.64 -7.47
CA LYS B 155 -19.42 -9.87 -7.39
C LYS B 155 -18.85 -10.96 -8.30
N CYS B 156 -17.54 -10.97 -8.50
CA CYS B 156 -16.91 -11.93 -9.39
C CYS B 156 -16.13 -12.96 -8.58
N ILE B 157 -16.45 -14.23 -8.78
CA ILE B 157 -15.71 -15.36 -8.22
C ILE B 157 -14.92 -16.01 -9.36
N HIS B 158 -13.62 -16.16 -9.17
CA HIS B 158 -12.77 -16.63 -10.26
C HIS B 158 -12.86 -18.15 -10.43
N ARG B 159 -12.76 -18.90 -9.32
CA ARG B 159 -12.88 -20.34 -9.25
C ARG B 159 -11.72 -21.09 -9.89
N ASP B 160 -10.74 -20.41 -10.46
CA ASP B 160 -9.56 -21.07 -11.01
C ASP B 160 -8.33 -20.18 -10.88
N LEU B 161 -8.16 -19.57 -9.71
CA LEU B 161 -7.01 -18.70 -9.49
C LEU B 161 -5.74 -19.54 -9.33
N ALA B 162 -4.73 -19.23 -10.12
CA ALA B 162 -3.46 -19.94 -10.13
C ALA B 162 -2.47 -19.10 -10.93
N ALA B 163 -1.18 -19.39 -10.75
CA ALA B 163 -0.16 -18.60 -11.43
C ALA B 163 -0.29 -18.67 -12.95
N ARG B 164 -0.77 -19.80 -13.48
CA ARG B 164 -0.98 -19.92 -14.91
C ARG B 164 -2.06 -18.96 -15.41
N ASN B 165 -2.96 -18.52 -14.54
CA ASN B 165 -4.04 -17.62 -14.91
C ASN B 165 -3.79 -16.18 -14.48
N VAL B 166 -2.55 -15.87 -14.08
CA VAL B 166 -2.12 -14.49 -13.88
C VAL B 166 -1.12 -14.16 -14.98
N LEU B 167 -1.33 -13.04 -15.65
CA LEU B 167 -0.51 -12.66 -16.79
C LEU B 167 0.34 -11.44 -16.47
N VAL B 168 1.46 -11.31 -17.17
CA VAL B 168 2.46 -10.27 -16.92
C VAL B 168 2.61 -9.41 -18.17
N THR B 169 2.69 -8.09 -17.98
CA THR B 169 2.85 -7.13 -19.06
C THR B 169 4.32 -6.78 -19.22
N GLU B 170 4.59 -5.88 -20.18
CA GLU B 170 5.95 -5.38 -20.38
C GLU B 170 6.51 -4.77 -19.11
N ASP B 171 5.66 -4.10 -18.33
CA ASP B 171 6.07 -3.38 -17.13
C ASP B 171 5.87 -4.18 -15.86
N ASN B 172 5.77 -5.50 -15.96
CA ASN B 172 5.66 -6.37 -14.80
C ASN B 172 4.42 -6.06 -13.98
N VAL B 173 3.34 -5.69 -14.65
CA VAL B 173 2.04 -5.51 -14.01
C VAL B 173 1.31 -6.85 -14.06
N MET B 174 0.91 -7.35 -12.90
CA MET B 174 0.13 -8.58 -12.84
C MET B 174 -1.30 -8.31 -13.27
N LYS B 175 -1.85 -9.19 -14.10
CA LYS B 175 -3.22 -9.04 -14.58
C LYS B 175 -3.91 -10.39 -14.53
N ILE B 176 -4.97 -10.48 -13.74
CA ILE B 176 -5.77 -11.69 -13.64
C ILE B 176 -6.53 -11.90 -14.96
N ALA B 177 -6.45 -13.11 -15.49
CA ALA B 177 -7.12 -13.46 -16.73
C ALA B 177 -8.24 -14.47 -16.47
N ASP B 178 -9.18 -14.53 -17.40
CA ASP B 178 -10.26 -15.52 -17.39
C ASP B 178 -11.10 -15.43 -16.12
N PHE B 179 -11.50 -14.21 -15.77
CA PHE B 179 -12.39 -13.99 -14.64
C PHE B 179 -13.85 -13.88 -15.04
N GLY B 180 -14.16 -13.75 -16.32
CA GLY B 180 -15.53 -13.58 -16.75
C GLY B 180 -16.11 -14.81 -17.41
N LEU B 181 -15.71 -15.98 -16.94
CA LEU B 181 -16.12 -17.24 -17.54
C LEU B 181 -17.30 -17.85 -16.78
N LEU B 199 -11.20 -30.06 -11.70
CA LEU B 199 -10.08 -30.84 -12.25
C LEU B 199 -8.72 -30.38 -11.72
N PRO B 200 -8.42 -29.05 -11.73
CA PRO B 200 -7.16 -28.63 -11.09
C PRO B 200 -7.27 -28.64 -9.57
N VAL B 201 -7.26 -29.85 -9.00
CA VAL B 201 -7.62 -30.01 -7.60
C VAL B 201 -6.56 -29.45 -6.65
N LYS B 202 -5.32 -29.30 -7.11
CA LYS B 202 -4.28 -28.83 -6.20
C LYS B 202 -4.49 -27.38 -5.78
N TRP B 203 -5.34 -26.64 -6.48
CA TRP B 203 -5.62 -25.24 -6.14
C TRP B 203 -6.97 -25.05 -5.46
N MET B 204 -7.79 -26.09 -5.39
CA MET B 204 -9.18 -25.92 -4.96
C MET B 204 -9.31 -26.07 -3.45
N ALA B 205 -10.18 -25.26 -2.88
CA ALA B 205 -10.52 -25.35 -1.47
C ALA B 205 -11.30 -26.64 -1.20
N PRO B 206 -11.30 -27.13 0.05
CA PRO B 206 -12.06 -28.36 0.34
C PRO B 206 -13.53 -28.28 -0.03
N GLU B 207 -14.20 -27.17 0.29
CA GLU B 207 -15.61 -27.04 -0.06
C GLU B 207 -15.82 -27.08 -1.56
N ALA B 208 -14.81 -26.74 -2.35
CA ALA B 208 -14.88 -26.91 -3.80
C ALA B 208 -14.54 -28.33 -4.21
N LEU B 209 -13.62 -28.97 -3.48
CA LEU B 209 -13.27 -30.36 -3.77
C LEU B 209 -14.43 -31.30 -3.50
N PHE B 210 -15.06 -31.18 -2.32
CA PHE B 210 -15.99 -32.19 -1.83
C PHE B 210 -17.45 -31.77 -1.93
N ASP B 211 -17.74 -30.49 -2.09
CA ASP B 211 -19.12 -30.02 -2.15
C ASP B 211 -19.42 -29.23 -3.42
N ARG B 212 -18.45 -29.08 -4.32
CA ARG B 212 -18.61 -28.31 -5.55
C ARG B 212 -19.11 -26.90 -5.27
N VAL B 213 -18.66 -26.32 -4.16
CA VAL B 213 -19.10 -24.99 -3.73
C VAL B 213 -17.94 -24.02 -3.88
N TYR B 214 -18.18 -22.91 -4.59
CA TYR B 214 -17.17 -21.88 -4.81
C TYR B 214 -17.65 -20.57 -4.23
N THR B 215 -16.87 -20.00 -3.33
CA THR B 215 -17.13 -18.67 -2.79
C THR B 215 -15.87 -17.82 -2.97
N HIS B 216 -15.94 -16.57 -2.49
CA HIS B 216 -14.74 -15.75 -2.46
C HIS B 216 -13.67 -16.34 -1.54
N GLN B 217 -14.08 -16.98 -0.44
CA GLN B 217 -13.12 -17.61 0.44
C GLN B 217 -12.46 -18.82 -0.23
N SER B 218 -13.17 -19.48 -1.15
CA SER B 218 -12.54 -20.52 -1.94
C SER B 218 -11.39 -19.95 -2.77
N ASP B 219 -11.62 -18.80 -3.41
CA ASP B 219 -10.54 -18.12 -4.13
C ASP B 219 -9.39 -17.78 -3.19
N VAL B 220 -9.71 -17.41 -1.94
CA VAL B 220 -8.68 -17.09 -0.96
C VAL B 220 -7.76 -18.29 -0.73
N TRP B 221 -8.35 -19.48 -0.59
CA TRP B 221 -7.55 -20.70 -0.52
C TRP B 221 -6.64 -20.81 -1.74
N SER B 222 -7.21 -20.61 -2.94
CA SER B 222 -6.40 -20.66 -4.15
C SER B 222 -5.28 -19.62 -4.12
N PHE B 223 -5.57 -18.43 -3.57
CA PHE B 223 -4.54 -17.40 -3.49
C PHE B 223 -3.38 -17.86 -2.62
N GLY B 224 -3.68 -18.60 -1.55
CA GLY B 224 -2.62 -19.19 -0.75
C GLY B 224 -1.73 -20.11 -1.56
N ILE B 225 -2.34 -20.97 -2.39
CA ILE B 225 -1.57 -21.82 -3.27
C ILE B 225 -0.75 -20.98 -4.24
N LEU B 226 -1.36 -19.91 -4.77
CA LEU B 226 -0.65 -19.04 -5.70
C LEU B 226 0.52 -18.34 -5.02
N LEU B 227 0.33 -17.91 -3.76
CA LEU B 227 1.45 -17.40 -2.98
C LEU B 227 2.60 -18.39 -2.95
N TRP B 228 2.29 -19.64 -2.60
CA TRP B 228 3.30 -20.69 -2.58
C TRP B 228 4.00 -20.80 -3.94
N GLU B 229 3.23 -20.73 -5.03
CA GLU B 229 3.83 -20.77 -6.37
C GLU B 229 4.83 -19.64 -6.56
N ILE B 230 4.50 -18.44 -6.07
CA ILE B 230 5.35 -17.28 -6.31
C ILE B 230 6.68 -17.46 -5.58
N PHE B 231 6.63 -17.77 -4.30
CA PHE B 231 7.84 -17.91 -3.50
C PHE B 231 8.49 -19.28 -3.64
N THR B 232 8.05 -20.10 -4.59
CA THR B 232 8.84 -21.20 -5.13
C THR B 232 9.28 -20.92 -6.56
N LEU B 233 9.07 -19.70 -7.05
CA LEU B 233 9.46 -19.29 -8.40
C LEU B 233 8.79 -20.18 -9.45
N GLY B 234 7.54 -20.56 -9.20
CA GLY B 234 6.78 -21.37 -10.10
C GLY B 234 6.79 -22.85 -9.86
N GLY B 235 6.87 -23.29 -8.60
CA GLY B 235 6.92 -24.69 -8.32
C GLY B 235 5.56 -25.37 -8.38
N SER B 236 5.59 -26.69 -8.57
CA SER B 236 4.34 -27.46 -8.60
C SER B 236 3.85 -27.71 -7.18
N PRO B 237 2.58 -27.41 -6.88
CA PRO B 237 2.10 -27.58 -5.51
C PRO B 237 2.11 -29.03 -5.06
N TYR B 238 2.19 -29.21 -3.74
CA TYR B 238 2.25 -30.51 -3.08
C TYR B 238 3.26 -31.41 -3.77
N PRO B 239 4.55 -31.07 -3.71
CA PRO B 239 5.55 -31.83 -4.48
C PRO B 239 5.82 -33.19 -3.85
N GLY B 240 5.95 -34.20 -4.71
CA GLY B 240 6.25 -35.56 -4.28
C GLY B 240 5.09 -36.31 -3.68
N ILE B 241 3.86 -35.80 -3.78
CA ILE B 241 2.69 -36.41 -3.18
C ILE B 241 1.72 -36.76 -4.30
N PRO B 242 1.17 -37.97 -4.34
CA PRO B 242 0.20 -38.32 -5.38
C PRO B 242 -1.10 -37.56 -5.19
N VAL B 243 -1.80 -37.33 -6.30
CA VAL B 243 -3.08 -36.62 -6.25
C VAL B 243 -4.08 -37.37 -5.38
N GLU B 244 -3.97 -38.69 -5.30
CA GLU B 244 -4.94 -39.46 -4.52
C GLU B 244 -4.79 -39.17 -3.02
N GLU B 245 -3.56 -38.97 -2.55
CA GLU B 245 -3.33 -38.73 -1.13
C GLU B 245 -3.65 -37.30 -0.70
N LEU B 246 -3.83 -36.39 -1.65
CA LEU B 246 -4.04 -34.97 -1.32
C LEU B 246 -5.27 -34.77 -0.44
N PHE B 247 -6.38 -35.42 -0.79
CA PHE B 247 -7.63 -35.15 -0.10
C PHE B 247 -7.58 -35.57 1.36
N SER B 248 -7.04 -36.77 1.63
CA SER B 248 -6.90 -37.21 3.00
C SER B 248 -5.86 -36.36 3.74
N LEU B 249 -4.78 -35.99 3.06
CA LEU B 249 -3.77 -35.11 3.64
C LEU B 249 -4.40 -33.81 4.14
N LEU B 250 -5.24 -33.19 3.31
CA LEU B 250 -5.90 -31.94 3.72
C LEU B 250 -6.91 -32.18 4.83
N ARG B 251 -7.60 -33.32 4.79
CA ARG B 251 -8.56 -33.64 5.84
C ARG B 251 -7.88 -33.87 7.18
N GLU B 252 -6.63 -34.32 7.17
CA GLU B 252 -5.89 -34.58 8.40
C GLU B 252 -5.13 -33.36 8.91
N GLY B 253 -5.46 -32.17 8.39
CA GLY B 253 -4.84 -30.95 8.87
C GLY B 253 -3.47 -30.64 8.31
N HIS B 254 -3.01 -31.41 7.33
CA HIS B 254 -1.67 -31.22 6.78
C HIS B 254 -1.71 -30.29 5.58
N ARG B 255 -0.68 -29.47 5.46
CA ARG B 255 -0.57 -28.48 4.40
C ARG B 255 0.86 -28.50 3.87
N MET B 256 1.09 -27.78 2.78
CA MET B 256 2.44 -27.66 2.26
C MET B 256 3.36 -27.01 3.28
N ASP B 257 4.64 -27.33 3.18
CA ASP B 257 5.63 -26.79 4.10
C ASP B 257 6.15 -25.45 3.58
N ARG B 258 6.83 -24.73 4.45
CA ARG B 258 7.38 -23.43 4.09
C ARG B 258 8.44 -23.58 3.00
N PRO B 259 8.25 -22.97 1.84
CA PRO B 259 9.27 -23.04 0.78
C PRO B 259 10.60 -22.46 1.25
N PRO B 260 11.71 -22.88 0.64
CA PRO B 260 13.02 -22.36 1.06
C PRO B 260 13.11 -20.86 0.89
N HIS B 261 13.81 -20.21 1.82
CA HIS B 261 14.08 -18.78 1.88
C HIS B 261 12.82 -17.93 2.04
N CYS B 262 11.64 -18.55 2.14
CA CYS B 262 10.39 -17.81 2.30
C CYS B 262 10.24 -17.33 3.74
N PRO B 263 10.01 -16.04 3.96
CA PRO B 263 9.92 -15.53 5.33
C PRO B 263 8.75 -16.14 6.06
N PRO B 264 8.82 -16.26 7.38
CA PRO B 264 7.69 -16.83 8.14
C PRO B 264 6.42 -16.00 8.05
N GLU B 265 6.55 -14.68 7.81
CA GLU B 265 5.35 -13.84 7.73
C GLU B 265 4.51 -14.20 6.52
N LEU B 266 5.15 -14.47 5.37
CA LEU B 266 4.41 -14.84 4.18
C LEU B 266 3.89 -16.27 4.28
N TYR B 267 4.66 -17.18 4.89
CA TYR B 267 4.15 -18.53 5.11
C TYR B 267 2.98 -18.52 6.09
N GLY B 268 3.04 -17.64 7.09
CA GLY B 268 1.89 -17.45 7.96
C GLY B 268 0.65 -17.01 7.20
N LEU B 269 0.84 -16.23 6.13
CA LEU B 269 -0.28 -15.80 5.30
C LEU B 269 -0.84 -16.97 4.49
N MET B 270 0.05 -17.77 3.89
CA MET B 270 -0.39 -18.98 3.19
C MET B 270 -1.21 -19.87 4.10
N ARG B 271 -0.70 -20.16 5.30
CA ARG B 271 -1.38 -21.08 6.21
C ARG B 271 -2.74 -20.54 6.62
N GLU B 272 -2.85 -19.23 6.81
CA GLU B 272 -4.16 -18.63 7.10
C GLU B 272 -5.13 -18.86 5.94
N CYS B 273 -4.64 -18.74 4.69
CA CYS B 273 -5.48 -18.99 3.53
C CYS B 273 -5.89 -20.45 3.43
N TRP B 274 -5.18 -21.36 4.11
CA TRP B 274 -5.46 -22.79 4.05
C TRP B 274 -6.18 -23.29 5.28
N HIS B 275 -6.83 -22.40 6.04
CA HIS B 275 -7.67 -22.85 7.14
C HIS B 275 -8.89 -23.58 6.60
N ALA B 276 -9.24 -24.69 7.26
CA ALA B 276 -10.36 -25.50 6.81
C ALA B 276 -11.65 -24.68 6.74
N ALA B 277 -11.95 -23.92 7.79
CA ALA B 277 -13.17 -23.12 7.80
C ALA B 277 -12.98 -21.87 6.95
N PRO B 278 -13.89 -21.60 6.00
CA PRO B 278 -13.72 -20.41 5.14
C PRO B 278 -13.78 -19.10 5.90
N SER B 279 -14.59 -19.02 6.96
CA SER B 279 -14.66 -17.80 7.76
C SER B 279 -13.38 -17.55 8.55
N GLN B 280 -12.53 -18.56 8.74
CA GLN B 280 -11.26 -18.36 9.40
C GLN B 280 -10.17 -17.92 8.43
N ARG B 281 -10.37 -18.12 7.14
CA ARG B 281 -9.43 -17.61 6.16
C ARG B 281 -9.55 -16.09 6.09
N PRO B 282 -8.45 -15.39 5.81
CA PRO B 282 -8.53 -13.93 5.69
C PRO B 282 -9.31 -13.54 4.43
N THR B 283 -9.88 -12.34 4.47
CA THR B 283 -10.50 -11.79 3.27
C THR B 283 -9.41 -11.21 2.36
N PHE B 284 -9.78 -11.03 1.09
CA PHE B 284 -8.83 -10.42 0.16
C PHE B 284 -8.43 -9.03 0.60
N LYS B 285 -9.31 -8.31 1.29
CA LYS B 285 -8.95 -7.01 1.85
C LYS B 285 -7.82 -7.14 2.87
N GLN B 286 -7.99 -8.05 3.85
CA GLN B 286 -6.92 -8.29 4.82
C GLN B 286 -5.64 -8.76 4.14
N LEU B 287 -5.76 -9.51 3.05
CA LEU B 287 -4.57 -9.91 2.31
C LEU B 287 -3.88 -8.71 1.68
N VAL B 288 -4.66 -7.76 1.15
CA VAL B 288 -4.08 -6.55 0.59
C VAL B 288 -3.30 -5.78 1.66
N GLU B 289 -3.92 -5.60 2.84
CA GLU B 289 -3.24 -4.89 3.93
C GLU B 289 -1.95 -5.59 4.32
N ALA B 290 -2.01 -6.91 4.52
CA ALA B 290 -0.85 -7.66 4.99
C ALA B 290 0.29 -7.61 3.99
N LEU B 291 -0.03 -7.81 2.70
CA LEU B 291 1.02 -7.78 1.69
C LEU B 291 1.55 -6.37 1.47
N ASP B 292 0.71 -5.35 1.71
CA ASP B 292 1.20 -3.97 1.62
C ASP B 292 2.19 -3.66 2.74
N LYS B 293 1.94 -4.19 3.94
CA LYS B 293 2.90 -3.99 5.02
C LYS B 293 4.22 -4.70 4.73
N VAL B 294 4.16 -5.84 4.05
CA VAL B 294 5.40 -6.52 3.67
C VAL B 294 6.13 -5.72 2.60
N LEU B 295 5.40 -5.25 1.59
CA LEU B 295 6.00 -4.41 0.56
C LEU B 295 6.62 -3.16 1.16
N LEU B 296 5.96 -2.57 2.15
CA LEU B 296 6.49 -1.36 2.79
C LEU B 296 7.70 -1.68 3.66
N ALA B 297 7.63 -2.76 4.44
CA ALA B 297 8.76 -3.16 5.28
C ALA B 297 10.01 -3.39 4.45
N VAL B 298 9.86 -3.88 3.22
CA VAL B 298 11.01 -4.05 2.34
C VAL B 298 11.51 -2.71 1.85
N SER B 299 10.60 -1.88 1.33
CA SER B 299 10.99 -0.64 0.65
C SER B 299 11.63 0.38 1.58
N GLU B 300 11.42 0.26 2.89
CA GLU B 300 12.00 1.20 3.86
C GLU B 300 13.53 1.16 3.82
C10 VZO C . 18.15 9.23 20.10
N12 VZO C . 16.02 8.72 21.08
C13 VZO C . 16.51 7.69 21.72
C15 VZO C . 17.68 11.01 18.88
C17 VZO C . 20.05 10.26 18.82
C20 VZO C . 22.42 3.08 19.92
C21 VZO C . 15.58 6.89 22.58
C26 VZO C . 12.72 10.95 20.44
C28 VZO C . 10.98 12.63 20.64
C01 VZO C . 20.55 5.07 22.42
C02 VZO C . 21.55 4.30 21.80
N03 VZO C . 21.40 3.84 20.54
C04 VZO C . 20.27 4.13 19.86
C05 VZO C . 19.27 4.88 20.47
N06 VZO C . 19.43 5.35 21.74
C07 VZO C . 18.39 6.13 22.41
C08 VZO C . 17.89 7.34 21.61
C09 VZO C . 18.73 8.11 20.80
C11 VZO C . 16.81 9.47 20.29
N14 VZO C . 18.63 10.16 19.26
C16 VZO C . 16.49 10.61 19.50
C18 VZO C . 20.11 10.67 17.32
C19 VZO C . 20.75 11.32 19.72
O22 VZO C . 15.11 5.85 22.18
C23 VZO C . 15.07 11.24 19.43
N24 VZO C . 14.12 10.60 20.24
O25 VZO C . 14.82 12.23 18.73
C27 VZO C . 12.33 12.32 20.41
C29 VZO C . 10.10 11.56 20.93
C30 VZO C . 10.58 10.24 20.95
N31 VZO C . 11.86 9.99 20.72
N32 VZO C . 10.51 14.00 20.61
C33 VZO C . 10.96 14.88 19.56
C34 VZO C . 11.47 16.21 20.20
O35 VZO C . 12.10 15.91 21.45
C36 VZO C . 12.55 17.08 22.17
C37 VZO C . 8.59 11.86 21.19
N38 VZO C . 7.49 12.09 21.39
C10 VZO D . 3.30 -11.99 -26.17
N12 VZO D . 1.14 -11.00 -25.93
C13 VZO D . 1.43 -10.03 -26.77
C15 VZO D . 3.15 -13.75 -24.83
C17 VZO D . 5.32 -13.48 -25.99
C20 VZO D . 8.33 -7.08 -28.43
C21 VZO D . 0.40 -8.99 -27.07
C26 VZO D . -1.78 -12.55 -23.69
C28 VZO D . -3.73 -13.83 -23.09
C01 VZO D . 5.07 -8.47 -29.48
C02 VZO D . 6.41 -8.03 -29.50
N03 VZO D . 6.99 -7.52 -28.39
C04 VZO D . 6.27 -7.42 -27.27
C05 VZO D . 4.94 -7.84 -27.23
N06 VZO D . 4.36 -8.38 -28.36
C07 VZO D . 2.99 -8.82 -28.35
C08 VZO D . 2.72 -9.96 -27.39
C09 VZO D . 3.67 -10.95 -27.10
C11 VZO D . 2.03 -11.94 -25.64
N14 VZO D . 3.93 -13.08 -25.65
C16 VZO D . 1.92 -13.06 -24.76
C18 VZO D . 6.03 -14.00 -24.72
C19 VZO D . 5.25 -14.59 -27.08
O22 VZO D . -0.04 -8.29 -26.18
C23 VZO D . 0.62 -13.40 -23.96
N24 VZO D . -0.43 -12.51 -24.22
O25 VZO D . 0.56 -14.35 -23.19
C27 VZO D . -2.41 -13.81 -23.58
C29 VZO D . -4.36 -12.60 -22.79
C30 VZO D . -3.64 -11.40 -22.95
N31 VZO D . -2.39 -11.41 -23.40
N32 VZO D . -4.42 -15.09 -22.94
C33 VZO D . -3.76 -16.25 -22.39
C34 VZO D . -4.82 -16.99 -21.51
O35 VZO D . -5.93 -16.07 -21.35
C36 VZO D . -7.14 -16.43 -22.04
C37 VZO D . -5.82 -12.57 -22.24
N38 VZO D . -6.89 -12.56 -21.85
#